data_2OV3
#
_entry.id   2OV3
#
_cell.length_a   62.329
_cell.length_b   76.982
_cell.length_c   127.311
_cell.angle_alpha   90.000
_cell.angle_beta   90.000
_cell.angle_gamma   90.000
#
_symmetry.space_group_name_H-M   'C 2 2 21'
#
loop_
_entity.id
_entity.type
_entity.pdbx_description
1 polymer 'Periplasmic binding protein component of an ABC type zinc uptake transporter'
2 non-polymer 'ZINC ION'
3 water water
#
_entity_poly.entity_id   1
_entity_poly.type   'polypeptide(L)'
_entity_poly.pdbx_seq_one_letter_code
;DAMDITVSIPPQQYFLEKIGGDLVRVSVLVPGNNDPHTYEPKPQQLAALSEAEAYVLIGLGFEQPWLEKLKAANANMKLI
DSAQGITPLEMPGRLMVADPHIWLSPTLVKRQATTIAKELAELDPDNRDQYEANLAAFLAELERLNQELGQILQPLPQRK
FIVFHPSWAYFARDYNLVQIPIEVEGQEPSAQELKQLIDTAKENNLTMVFGETQFSTKSSEAIAAEIGAGVELLDPLAAD
WSSNLKAVAQKIANANSAQP
;
_entity_poly.pdbx_strand_id   A
#
loop_
_chem_comp.id
_chem_comp.type
_chem_comp.name
_chem_comp.formula
ZN non-polymer 'ZINC ION' 'Zn 2'
#
# COMPACT_ATOMS: atom_id res chain seq x y z
N ASP A 1 28.47 10.91 -4.27
CA ASP A 1 27.79 10.13 -5.35
C ASP A 1 26.40 9.71 -4.89
N ALA A 2 25.64 9.05 -5.76
CA ALA A 2 24.29 8.62 -5.42
C ALA A 2 24.25 7.75 -4.16
N MET A 3 23.42 8.16 -3.21
CA MET A 3 23.24 7.49 -1.93
C MET A 3 22.42 6.21 -2.11
N ASP A 4 22.89 5.08 -1.56
CA ASP A 4 22.17 3.82 -1.71
C ASP A 4 21.15 3.57 -0.62
N ILE A 5 19.87 3.71 -0.96
CA ILE A 5 18.83 3.48 0.01
C ILE A 5 18.05 2.25 -0.44
N THR A 6 17.62 1.44 0.51
CA THR A 6 16.86 0.26 0.13
C THR A 6 15.44 0.43 0.68
N VAL A 7 14.45 -0.10 -0.02
CA VAL A 7 13.04 -0.02 0.41
C VAL A 7 12.40 -1.39 0.35
N SER A 8 11.31 -1.58 1.10
CA SER A 8 10.62 -2.87 1.12
C SER A 8 9.78 -3.17 -0.11
N ILE A 9 9.10 -2.15 -0.65
CA ILE A 9 8.23 -2.38 -1.80
C ILE A 9 8.31 -1.33 -2.90
N PRO A 10 7.92 -1.70 -4.13
CA PRO A 10 7.94 -0.81 -5.30
C PRO A 10 7.36 0.61 -5.06
N PRO A 11 6.21 0.71 -4.39
CA PRO A 11 5.61 2.03 -4.14
C PRO A 11 6.53 2.98 -3.39
N GLN A 12 7.33 2.43 -2.49
CA GLN A 12 8.26 3.26 -1.72
C GLN A 12 9.29 3.84 -2.71
N GLN A 13 9.70 3.03 -3.68
CA GLN A 13 10.66 3.52 -4.65
C GLN A 13 10.08 4.76 -5.35
N TYR A 14 8.79 4.74 -5.64
CA TYR A 14 8.15 5.88 -6.26
C TYR A 14 8.41 7.13 -5.41
N PHE A 15 8.12 7.01 -4.11
CA PHE A 15 8.30 8.11 -3.16
C PHE A 15 9.77 8.57 -3.02
N LEU A 16 10.70 7.61 -3.01
CA LEU A 16 12.11 7.94 -2.90
C LEU A 16 12.62 8.63 -4.15
N GLU A 17 12.10 8.21 -5.30
CA GLU A 17 12.51 8.83 -6.55
C GLU A 17 12.00 10.27 -6.58
N LYS A 18 10.74 10.47 -6.23
CA LYS A 18 10.14 11.79 -6.20
C LYS A 18 10.90 12.72 -5.26
N ILE A 19 11.37 12.18 -4.14
CA ILE A 19 12.10 12.94 -3.13
C ILE A 19 13.59 13.05 -3.34
N GLY A 20 14.23 11.96 -3.75
CA GLY A 20 15.67 11.96 -3.92
C GLY A 20 16.23 12.28 -5.29
N GLY A 21 15.44 12.02 -6.34
CA GLY A 21 15.92 12.29 -7.68
C GLY A 21 17.14 11.45 -7.99
N ASP A 22 18.13 12.06 -8.64
CA ASP A 22 19.37 11.38 -9.01
C ASP A 22 20.37 11.32 -7.86
N LEU A 23 19.91 11.73 -6.67
CA LEU A 23 20.76 11.72 -5.47
C LEU A 23 20.63 10.41 -4.71
N VAL A 24 19.72 9.56 -5.18
CA VAL A 24 19.52 8.27 -4.55
C VAL A 24 19.46 7.18 -5.59
N ARG A 25 19.83 5.99 -5.17
CA ARG A 25 19.81 4.78 -5.99
C ARG A 25 19.03 3.83 -5.10
N VAL A 26 17.75 3.67 -5.43
CA VAL A 26 16.84 2.83 -4.66
C VAL A 26 16.86 1.34 -5.02
N SER A 27 16.81 0.48 -4.01
CA SER A 27 16.73 -0.95 -4.23
C SER A 27 15.45 -1.41 -3.51
N VAL A 28 14.71 -2.33 -4.14
CA VAL A 28 13.46 -2.85 -3.59
C VAL A 28 13.69 -4.29 -3.17
N LEU A 29 13.27 -4.61 -1.95
CA LEU A 29 13.41 -5.94 -1.42
C LEU A 29 12.31 -6.87 -1.94
N VAL A 30 11.06 -6.41 -1.92
CA VAL A 30 9.97 -7.26 -2.41
C VAL A 30 9.45 -6.90 -3.80
N PRO A 31 9.55 -7.84 -4.75
CA PRO A 31 9.08 -7.63 -6.12
C PRO A 31 7.56 -7.37 -6.09
N GLY A 32 7.08 -6.60 -7.07
CA GLY A 32 5.67 -6.28 -7.12
C GLY A 32 4.70 -7.44 -7.30
N ASN A 33 5.16 -8.50 -7.96
CA ASN A 33 4.30 -9.67 -8.16
C ASN A 33 4.37 -10.63 -6.98
N ASN A 34 4.95 -10.21 -5.86
CA ASN A 34 5.05 -11.08 -4.68
C ASN A 34 4.21 -10.62 -3.49
N ASP A 35 3.83 -11.57 -2.65
CA ASP A 35 3.08 -11.25 -1.44
C ASP A 35 4.12 -10.97 -0.34
N PRO A 36 4.22 -9.70 0.07
CA PRO A 36 5.19 -9.31 1.11
C PRO A 36 4.90 -9.92 2.47
N HIS A 37 3.71 -10.42 2.67
CA HIS A 37 3.38 -10.98 3.97
C HIS A 37 4.03 -12.34 4.22
N THR A 38 4.43 -13.02 3.14
CA THR A 38 5.08 -14.32 3.23
C THR A 38 6.36 -14.30 2.39
N TYR A 39 6.94 -13.11 2.22
CA TYR A 39 8.17 -12.98 1.43
C TYR A 39 9.42 -13.24 2.28
N GLU A 40 10.41 -13.86 1.65
CA GLU A 40 11.67 -14.16 2.33
C GLU A 40 12.80 -13.56 1.51
N PRO A 41 13.57 -12.63 2.10
CA PRO A 41 14.67 -12.05 1.32
C PRO A 41 15.69 -13.10 0.94
N LYS A 42 16.22 -12.97 -0.28
CA LYS A 42 17.20 -13.91 -0.81
C LYS A 42 18.59 -13.50 -0.34
N PRO A 43 19.51 -14.48 -0.22
CA PRO A 43 20.87 -14.21 0.21
C PRO A 43 21.60 -13.08 -0.53
N GLN A 44 21.39 -13.00 -1.84
CA GLN A 44 22.03 -11.95 -2.61
C GLN A 44 21.49 -10.60 -2.10
N GLN A 45 20.22 -10.57 -1.72
CA GLN A 45 19.62 -9.34 -1.22
C GLN A 45 20.21 -8.98 0.14
N LEU A 46 20.42 -9.97 0.99
CA LEU A 46 20.97 -9.69 2.31
C LEU A 46 22.39 -9.18 2.17
N ALA A 47 23.11 -9.75 1.20
CA ALA A 47 24.50 -9.36 0.94
C ALA A 47 24.58 -7.92 0.47
N ALA A 48 23.70 -7.55 -0.47
CA ALA A 48 23.67 -6.19 -1.02
C ALA A 48 23.37 -5.14 0.06
N LEU A 49 22.70 -5.55 1.12
CA LEU A 49 22.35 -4.63 2.19
C LEU A 49 23.56 -3.97 2.84
N SER A 50 24.75 -4.54 2.67
CA SER A 50 25.95 -3.99 3.29
C SER A 50 26.34 -2.64 2.70
N GLU A 51 25.74 -2.31 1.55
CA GLU A 51 26.01 -1.05 0.86
C GLU A 51 24.93 -0.01 1.15
N ALA A 52 23.77 -0.47 1.61
CA ALA A 52 22.66 0.45 1.89
C ALA A 52 23.00 1.43 3.01
N GLU A 53 22.91 2.72 2.71
CA GLU A 53 23.20 3.73 3.70
C GLU A 53 22.04 3.83 4.68
N ALA A 54 20.86 3.42 4.23
CA ALA A 54 19.67 3.42 5.06
C ALA A 54 18.65 2.47 4.44
N TYR A 55 17.58 2.24 5.18
CA TYR A 55 16.50 1.36 4.73
C TYR A 55 15.19 2.01 5.17
N VAL A 56 14.28 2.18 4.23
CA VAL A 56 12.99 2.79 4.54
C VAL A 56 11.93 1.75 4.87
N LEU A 57 11.64 1.60 6.16
CA LEU A 57 10.62 0.67 6.62
C LEU A 57 9.26 1.31 6.41
N ILE A 58 8.26 0.47 6.19
CA ILE A 58 6.89 0.92 6.03
C ILE A 58 6.43 1.14 7.48
N GLY A 59 6.94 0.29 8.37
CA GLY A 59 6.61 0.39 9.77
C GLY A 59 5.34 -0.40 10.07
N LEU A 60 4.76 -0.18 11.24
CA LEU A 60 3.54 -0.87 11.65
C LEU A 60 3.68 -2.39 11.54
N GLY A 61 4.87 -2.88 11.83
CA GLY A 61 5.12 -4.31 11.78
C GLY A 61 5.08 -4.92 10.39
N PHE A 62 5.38 -4.15 9.36
CA PHE A 62 5.34 -4.74 8.02
C PHE A 62 6.58 -5.56 7.72
N GLU A 63 7.71 -5.11 8.26
CA GLU A 63 9.00 -5.74 8.05
C GLU A 63 9.41 -6.70 9.16
N GLN A 64 8.52 -6.92 10.12
CA GLN A 64 8.79 -7.80 11.25
C GLN A 64 9.37 -9.16 10.86
N PRO A 65 8.85 -9.77 9.80
CA PRO A 65 9.35 -11.08 9.36
C PRO A 65 10.84 -11.11 9.07
N TRP A 66 11.38 -10.03 8.52
CA TRP A 66 12.81 -9.97 8.21
C TRP A 66 13.54 -8.85 8.94
N LEU A 67 12.84 -8.15 9.82
CA LEU A 67 13.40 -7.04 10.58
C LEU A 67 14.79 -7.33 11.12
N GLU A 68 14.92 -8.46 11.81
CA GLU A 68 16.19 -8.84 12.39
C GLU A 68 17.26 -9.16 11.35
N LYS A 69 16.91 -9.89 10.30
CA LYS A 69 17.90 -10.19 9.27
C LYS A 69 18.47 -8.92 8.70
N LEU A 70 17.67 -7.86 8.69
CA LEU A 70 18.11 -6.58 8.18
C LEU A 70 19.23 -6.00 9.05
N LYS A 71 18.98 -5.94 10.36
CA LYS A 71 19.99 -5.42 11.29
C LYS A 71 21.25 -6.26 11.28
N ALA A 72 21.07 -7.56 11.06
CA ALA A 72 22.18 -8.49 11.01
C ALA A 72 22.98 -8.28 9.74
N ALA A 73 22.29 -7.86 8.67
CA ALA A 73 22.96 -7.62 7.41
C ALA A 73 23.80 -6.35 7.51
N ASN A 74 23.30 -5.36 8.23
CA ASN A 74 24.02 -4.10 8.42
C ASN A 74 23.46 -3.30 9.61
N ALA A 75 24.24 -3.23 10.68
CA ALA A 75 23.84 -2.51 11.88
C ALA A 75 23.99 -1.01 11.71
N ASN A 76 24.82 -0.61 10.75
CA ASN A 76 25.05 0.80 10.49
C ASN A 76 23.95 1.38 9.63
N MET A 77 23.25 0.50 8.94
CA MET A 77 22.16 0.90 8.07
C MET A 77 21.08 1.62 8.88
N LYS A 78 20.77 2.87 8.51
CA LYS A 78 19.76 3.62 9.24
C LYS A 78 18.37 3.14 8.86
N LEU A 79 17.59 2.72 9.86
CA LEU A 79 16.23 2.25 9.60
C LEU A 79 15.29 3.44 9.69
N ILE A 80 14.57 3.69 8.61
CA ILE A 80 13.64 4.82 8.58
C ILE A 80 12.21 4.30 8.71
N ASP A 81 11.63 4.50 9.88
CA ASP A 81 10.25 4.10 10.12
C ASP A 81 9.43 5.21 9.51
N SER A 82 9.00 5.00 8.27
CA SER A 82 8.22 6.01 7.59
C SER A 82 6.80 6.17 8.13
N ALA A 83 6.38 5.26 9.02
CA ALA A 83 5.03 5.33 9.58
C ALA A 83 4.95 6.07 10.91
N GLN A 84 6.09 6.47 11.46
CA GLN A 84 6.09 7.14 12.75
C GLN A 84 5.23 8.39 12.80
N GLY A 85 4.60 8.61 13.95
CA GLY A 85 3.78 9.78 14.16
C GLY A 85 2.37 9.67 13.61
N ILE A 86 2.06 8.54 13.00
CA ILE A 86 0.74 8.34 12.42
C ILE A 86 -0.12 7.42 13.26
N THR A 87 -1.39 7.77 13.37
CA THR A 87 -2.31 6.94 14.12
C THR A 87 -2.81 5.87 13.13
N PRO A 88 -2.47 4.60 13.38
CA PRO A 88 -2.85 3.49 12.52
C PRO A 88 -4.27 3.01 12.74
N LEU A 89 -4.72 2.14 11.84
CA LEU A 89 -6.03 1.53 11.92
C LEU A 89 -5.81 0.11 12.38
N GLU A 90 -6.87 -0.50 12.91
CA GLU A 90 -6.81 -1.88 13.37
C GLU A 90 -6.97 -2.77 12.15
N MET A 91 -6.35 -3.94 12.18
CA MET A 91 -6.45 -4.90 11.10
C MET A 91 -7.88 -5.43 11.09
N PRO A 92 -8.41 -5.77 9.91
CA PRO A 92 -9.76 -6.30 9.79
C PRO A 92 -9.97 -7.47 10.74
N GLY A 93 -9.01 -8.41 10.73
CA GLY A 93 -9.12 -9.56 11.60
C GLY A 93 -9.03 -9.18 13.06
N ARG A 94 -8.02 -9.71 13.74
CA ARG A 94 -7.80 -9.42 15.15
C ARG A 94 -7.77 -7.90 15.33
N LEU A 95 -8.64 -7.40 16.20
CA LEU A 95 -8.77 -5.96 16.45
C LEU A 95 -7.78 -5.40 17.48
N MET A 96 -6.54 -5.88 17.44
CA MET A 96 -5.51 -5.38 18.35
C MET A 96 -4.15 -5.42 17.67
N VAL A 97 -4.17 -5.32 16.35
CA VAL A 97 -2.97 -5.32 15.53
C VAL A 97 -3.11 -4.18 14.52
N ALA A 98 -2.05 -3.41 14.32
CA ALA A 98 -2.09 -2.29 13.38
C ALA A 98 -2.06 -2.74 11.93
N ASP A 99 -2.77 -1.98 11.10
CA ASP A 99 -2.84 -2.23 9.67
C ASP A 99 -1.68 -1.45 9.02
N PRO A 100 -0.73 -2.16 8.39
CA PRO A 100 0.44 -1.55 7.75
C PRO A 100 0.28 -0.87 6.38
N HIS A 101 -0.81 -1.16 5.66
CA HIS A 101 -1.07 -0.61 4.33
C HIS A 101 -1.34 0.90 4.27
N ILE A 102 -0.50 1.73 4.89
CA ILE A 102 -0.72 3.17 4.85
C ILE A 102 -0.18 3.81 3.56
N TRP A 103 0.62 3.06 2.79
CA TRP A 103 1.18 3.59 1.57
C TRP A 103 0.17 3.75 0.43
N LEU A 104 -1.07 3.42 0.68
CA LEU A 104 -2.11 3.55 -0.33
C LEU A 104 -3.02 4.76 -0.01
N SER A 105 -2.64 5.52 1.00
CA SER A 105 -3.38 6.73 1.37
C SER A 105 -2.55 7.93 0.93
N PRO A 106 -3.04 8.71 -0.06
CA PRO A 106 -2.30 9.88 -0.54
C PRO A 106 -1.97 10.82 0.62
N THR A 107 -3.00 11.18 1.38
CA THR A 107 -2.83 12.04 2.54
C THR A 107 -1.74 11.54 3.47
N LEU A 108 -1.84 10.29 3.89
CA LEU A 108 -0.83 9.75 4.78
C LEU A 108 0.53 9.65 4.12
N VAL A 109 0.58 9.45 2.81
CA VAL A 109 1.88 9.38 2.17
C VAL A 109 2.62 10.71 2.36
N LYS A 110 1.86 11.81 2.39
CA LYS A 110 2.45 13.14 2.61
C LYS A 110 3.34 13.07 3.85
N ARG A 111 2.86 12.40 4.88
CA ARG A 111 3.61 12.28 6.11
C ARG A 111 4.80 11.37 5.86
N GLN A 112 4.57 10.24 5.19
CA GLN A 112 5.65 9.30 4.91
C GLN A 112 6.79 9.97 4.13
N ALA A 113 6.48 10.68 3.07
CA ALA A 113 7.52 11.33 2.29
C ALA A 113 8.28 12.36 3.14
N THR A 114 7.54 13.07 3.98
CA THR A 114 8.13 14.09 4.84
C THR A 114 9.14 13.50 5.80
N THR A 115 8.88 12.27 6.23
CA THR A 115 9.81 11.63 7.12
C THR A 115 11.03 11.15 6.33
N ILE A 116 10.80 10.73 5.09
CA ILE A 116 11.91 10.26 4.27
C ILE A 116 12.87 11.39 3.96
N ALA A 117 12.31 12.50 3.48
CA ALA A 117 13.08 13.68 3.12
C ALA A 117 13.89 14.16 4.31
N LYS A 118 13.22 14.36 5.44
CA LYS A 118 13.89 14.81 6.65
C LYS A 118 15.10 13.91 6.91
N GLU A 119 14.91 12.60 6.80
CA GLU A 119 15.98 11.66 7.05
C GLU A 119 17.09 11.67 5.99
N LEU A 120 16.73 11.90 4.73
CA LEU A 120 17.72 11.95 3.67
C LEU A 120 18.58 13.21 3.81
N ALA A 121 17.98 14.28 4.35
CA ALA A 121 18.70 15.54 4.55
C ALA A 121 19.68 15.45 5.70
N GLU A 122 19.50 14.46 6.56
CA GLU A 122 20.39 14.30 7.70
C GLU A 122 21.65 13.54 7.29
N LEU A 123 21.51 12.66 6.31
CA LEU A 123 22.64 11.86 5.87
C LEU A 123 23.42 12.59 4.79
N ASP A 124 22.70 13.45 4.08
CA ASP A 124 23.27 14.21 2.98
C ASP A 124 22.81 15.66 3.05
N PRO A 125 23.36 16.43 4.01
CA PRO A 125 23.05 17.85 4.24
C PRO A 125 23.26 18.79 3.06
N ASP A 126 24.33 18.57 2.32
CA ASP A 126 24.63 19.42 1.18
C ASP A 126 23.43 19.62 0.27
N ASN A 127 22.65 18.57 0.09
CA ASN A 127 21.50 18.62 -0.79
C ASN A 127 20.16 18.80 -0.07
N ARG A 128 20.24 19.18 1.20
CA ARG A 128 19.04 19.40 2.00
C ARG A 128 18.01 20.19 1.20
N ASP A 129 18.44 21.17 0.42
CA ASP A 129 17.52 21.97 -0.36
C ASP A 129 16.76 21.19 -1.42
N GLN A 130 17.46 20.35 -2.19
CA GLN A 130 16.82 19.57 -3.24
C GLN A 130 15.76 18.65 -2.64
N TYR A 131 16.06 18.09 -1.47
CA TYR A 131 15.14 17.20 -0.77
C TYR A 131 13.87 17.97 -0.38
N GLU A 132 14.05 19.08 0.32
CA GLU A 132 12.89 19.88 0.75
C GLU A 132 12.13 20.40 -0.46
N ALA A 133 12.84 20.64 -1.55
CA ALA A 133 12.20 21.13 -2.75
C ALA A 133 11.39 20.01 -3.39
N ASN A 134 12.05 18.89 -3.68
CA ASN A 134 11.38 17.76 -4.27
C ASN A 134 10.16 17.38 -3.43
N LEU A 135 10.31 17.46 -2.11
CA LEU A 135 9.24 17.14 -1.18
C LEU A 135 8.03 18.05 -1.43
N ALA A 136 8.26 19.36 -1.47
CA ALA A 136 7.20 20.34 -1.69
C ALA A 136 6.46 20.05 -2.99
N ALA A 137 7.23 19.79 -4.04
CA ALA A 137 6.63 19.49 -5.33
C ALA A 137 5.71 18.28 -5.14
N PHE A 138 6.26 17.20 -4.57
CA PHE A 138 5.52 15.96 -4.35
C PHE A 138 4.23 16.16 -3.51
N LEU A 139 4.37 16.87 -2.39
CA LEU A 139 3.21 17.14 -1.53
C LEU A 139 2.08 17.72 -2.37
N ALA A 140 2.38 18.79 -3.09
CA ALA A 140 1.39 19.43 -3.92
C ALA A 140 0.83 18.46 -4.94
N GLU A 141 1.65 17.52 -5.39
CA GLU A 141 1.20 16.51 -6.35
C GLU A 141 0.19 15.62 -5.63
N LEU A 142 0.49 15.35 -4.36
CA LEU A 142 -0.36 14.51 -3.53
C LEU A 142 -1.74 15.14 -3.33
N GLU A 143 -1.78 16.39 -2.87
CA GLU A 143 -3.06 17.06 -2.66
C GLU A 143 -3.88 17.09 -3.95
N ARG A 144 -3.19 17.19 -5.08
CA ARG A 144 -3.85 17.21 -6.37
C ARG A 144 -4.50 15.86 -6.60
N LEU A 145 -3.71 14.79 -6.46
CA LEU A 145 -4.19 13.42 -6.63
C LEU A 145 -5.32 13.15 -5.63
N ASN A 146 -5.12 13.56 -4.39
CA ASN A 146 -6.12 13.37 -3.36
C ASN A 146 -7.44 14.01 -3.78
N GLN A 147 -7.37 15.24 -4.26
CA GLN A 147 -8.57 15.93 -4.70
C GLN A 147 -9.20 15.25 -5.90
N GLU A 148 -8.37 14.71 -6.79
CA GLU A 148 -8.86 14.04 -8.00
C GLU A 148 -9.59 12.74 -7.67
N LEU A 149 -9.05 11.98 -6.73
CA LEU A 149 -9.67 10.72 -6.33
C LEU A 149 -11.01 11.03 -5.65
N GLY A 150 -11.05 12.13 -4.89
CA GLY A 150 -12.26 12.53 -4.20
C GLY A 150 -13.45 12.79 -5.10
N GLN A 151 -13.21 13.42 -6.24
CA GLN A 151 -14.30 13.72 -7.17
C GLN A 151 -14.77 12.48 -7.91
N ILE A 152 -14.00 11.40 -7.85
CA ILE A 152 -14.39 10.19 -8.55
C ILE A 152 -15.23 9.28 -7.68
N LEU A 153 -14.92 9.27 -6.38
CA LEU A 153 -15.62 8.43 -5.46
C LEU A 153 -16.74 9.08 -4.66
N GLN A 154 -16.57 10.36 -4.31
CA GLN A 154 -17.56 11.10 -3.52
C GLN A 154 -19.03 10.93 -3.90
N PRO A 155 -19.35 11.04 -5.20
CA PRO A 155 -20.74 10.90 -5.65
C PRO A 155 -21.27 9.49 -5.76
N LEU A 156 -20.42 8.48 -5.56
CA LEU A 156 -20.85 7.10 -5.71
C LEU A 156 -21.93 6.64 -4.71
N PRO A 157 -23.06 6.12 -5.24
CA PRO A 157 -24.17 5.64 -4.39
C PRO A 157 -23.67 4.48 -3.53
N GLN A 158 -22.93 3.56 -4.15
CA GLN A 158 -22.39 2.40 -3.44
C GLN A 158 -21.04 2.75 -2.83
N ARG A 159 -20.95 2.57 -1.52
CA ARG A 159 -19.72 2.86 -0.78
C ARG A 159 -18.95 1.57 -0.43
N LYS A 160 -19.55 0.41 -0.63
CA LYS A 160 -18.86 -0.83 -0.29
C LYS A 160 -18.25 -1.56 -1.49
N PHE A 161 -17.07 -2.12 -1.31
CA PHE A 161 -16.45 -2.88 -2.39
C PHE A 161 -15.80 -4.13 -1.81
N ILE A 162 -15.96 -5.23 -2.53
CA ILE A 162 -15.41 -6.51 -2.11
C ILE A 162 -13.99 -6.71 -2.59
N VAL A 163 -13.06 -6.92 -1.68
CA VAL A 163 -11.68 -7.17 -2.09
C VAL A 163 -11.24 -8.55 -1.60
N PHE A 164 -10.19 -9.11 -2.19
CA PHE A 164 -9.71 -10.40 -1.71
C PHE A 164 -8.86 -10.08 -0.49
N HIS A 165 -7.74 -9.40 -0.71
CA HIS A 165 -6.80 -9.00 0.34
C HIS A 165 -7.18 -7.62 0.88
N PRO A 166 -7.25 -7.46 2.22
CA PRO A 166 -7.61 -6.16 2.81
C PRO A 166 -6.46 -5.18 2.88
N SER A 167 -6.07 -4.64 1.74
CA SER A 167 -4.97 -3.71 1.72
C SER A 167 -5.41 -2.30 1.39
N TRP A 168 -6.72 -2.04 1.43
CA TRP A 168 -7.18 -0.70 1.10
C TRP A 168 -7.94 -0.03 2.22
N ALA A 169 -7.72 -0.45 3.46
CA ALA A 169 -8.44 0.14 4.58
C ALA A 169 -8.20 1.65 4.73
N TYR A 170 -6.94 2.06 4.56
CA TYR A 170 -6.56 3.47 4.70
C TYR A 170 -7.03 4.28 3.50
N PHE A 171 -7.03 3.64 2.34
CA PHE A 171 -7.49 4.29 1.13
C PHE A 171 -9.00 4.47 1.23
N ALA A 172 -9.69 3.42 1.64
CA ALA A 172 -11.15 3.47 1.75
C ALA A 172 -11.60 4.41 2.88
N ARG A 173 -10.73 4.64 3.86
CA ARG A 173 -11.03 5.50 4.99
C ARG A 173 -11.06 6.96 4.58
N ASP A 174 -10.05 7.36 3.80
CA ASP A 174 -9.95 8.74 3.34
C ASP A 174 -11.14 9.16 2.47
N TYR A 175 -11.56 8.26 1.59
CA TYR A 175 -12.66 8.53 0.68
C TYR A 175 -14.01 7.94 1.08
N ASN A 176 -14.19 7.68 2.38
CA ASN A 176 -15.45 7.15 2.89
C ASN A 176 -15.97 5.92 2.16
N LEU A 177 -15.11 4.92 2.05
CA LEU A 177 -15.48 3.67 1.42
C LEU A 177 -15.27 2.59 2.46
N VAL A 178 -15.82 1.42 2.17
CA VAL A 178 -15.71 0.28 3.06
C VAL A 178 -15.28 -0.93 2.25
N GLN A 179 -14.11 -1.50 2.57
CA GLN A 179 -13.64 -2.68 1.86
C GLN A 179 -14.15 -3.92 2.60
N ILE A 180 -14.70 -4.88 1.84
CA ILE A 180 -15.19 -6.13 2.42
C ILE A 180 -14.21 -7.23 2.01
N PRO A 181 -13.27 -7.59 2.88
CA PRO A 181 -12.27 -8.62 2.59
C PRO A 181 -12.74 -10.07 2.52
N ILE A 182 -12.21 -10.79 1.53
CA ILE A 182 -12.54 -12.20 1.35
C ILE A 182 -11.58 -13.00 2.24
N GLU A 183 -10.35 -12.52 2.35
CA GLU A 183 -9.32 -13.17 3.15
C GLU A 183 -9.25 -12.58 4.57
N VAL A 184 -8.86 -13.41 5.53
CA VAL A 184 -8.74 -12.97 6.92
C VAL A 184 -7.46 -13.56 7.52
N GLU A 185 -6.94 -12.93 8.56
CA GLU A 185 -5.73 -13.41 9.22
C GLU A 185 -5.86 -13.44 10.74
N GLY A 186 -6.81 -14.20 11.25
CA GLY A 186 -7.00 -14.31 12.68
C GLY A 186 -8.39 -13.99 13.18
N GLN A 187 -9.39 -14.08 12.32
CA GLN A 187 -10.76 -13.80 12.73
C GLN A 187 -11.49 -15.08 13.14
N GLU A 188 -12.80 -15.11 12.91
CA GLU A 188 -13.64 -16.26 13.25
C GLU A 188 -13.50 -17.36 12.20
N PRO A 189 -13.22 -18.60 12.65
CA PRO A 189 -13.07 -19.76 11.78
C PRO A 189 -14.37 -20.20 11.11
N SER A 190 -15.35 -19.31 11.07
CA SER A 190 -16.63 -19.61 10.45
C SER A 190 -16.42 -19.91 8.97
N ALA A 191 -16.41 -21.20 8.63
CA ALA A 191 -16.20 -21.64 7.25
C ALA A 191 -17.24 -21.10 6.28
N GLN A 192 -18.40 -20.71 6.81
CA GLN A 192 -19.49 -20.15 6.01
C GLN A 192 -19.47 -18.63 5.91
N GLU A 193 -18.48 -18.00 6.56
CA GLU A 193 -18.37 -16.55 6.55
C GLU A 193 -18.42 -15.97 5.14
N LEU A 194 -17.84 -16.71 4.19
CA LEU A 194 -17.83 -16.28 2.80
C LEU A 194 -19.22 -16.39 2.21
N LYS A 195 -20.11 -17.11 2.88
CA LYS A 195 -21.46 -17.25 2.40
C LYS A 195 -22.25 -16.00 2.80
N GLN A 196 -22.01 -15.54 4.03
CA GLN A 196 -22.66 -14.34 4.52
C GLN A 196 -22.23 -13.16 3.64
N LEU A 197 -20.98 -13.19 3.20
CA LEU A 197 -20.47 -12.13 2.34
C LEU A 197 -21.23 -12.13 1.01
N ILE A 198 -21.42 -13.33 0.44
CA ILE A 198 -22.14 -13.44 -0.83
C ILE A 198 -23.58 -12.96 -0.73
N ASP A 199 -24.27 -13.32 0.34
CA ASP A 199 -25.65 -12.90 0.49
C ASP A 199 -25.73 -11.40 0.72
N THR A 200 -24.76 -10.86 1.44
CA THR A 200 -24.76 -9.43 1.70
C THR A 200 -24.54 -8.70 0.38
N ALA A 201 -23.63 -9.24 -0.42
CA ALA A 201 -23.31 -8.67 -1.71
C ALA A 201 -24.54 -8.67 -2.63
N LYS A 202 -25.19 -9.82 -2.77
CA LYS A 202 -26.37 -9.91 -3.62
C LYS A 202 -27.44 -8.88 -3.23
N GLU A 203 -27.71 -8.76 -1.94
CA GLU A 203 -28.72 -7.82 -1.45
C GLU A 203 -28.33 -6.36 -1.65
N ASN A 204 -27.03 -6.06 -1.68
CA ASN A 204 -26.61 -4.68 -1.88
C ASN A 204 -26.28 -4.48 -3.34
N ASN A 205 -26.51 -5.50 -4.13
CA ASN A 205 -26.24 -5.47 -5.56
C ASN A 205 -24.78 -5.14 -5.87
N LEU A 206 -23.85 -5.69 -5.09
CA LEU A 206 -22.45 -5.42 -5.37
C LEU A 206 -22.23 -6.02 -6.75
N THR A 207 -21.51 -5.31 -7.60
CA THR A 207 -21.31 -5.77 -8.97
C THR A 207 -19.91 -6.19 -9.32
N MET A 208 -19.01 -6.24 -8.34
CA MET A 208 -17.65 -6.60 -8.65
C MET A 208 -16.90 -7.14 -7.46
N VAL A 209 -15.92 -7.99 -7.75
CA VAL A 209 -15.05 -8.59 -6.76
C VAL A 209 -13.66 -8.13 -7.18
N PHE A 210 -13.01 -7.35 -6.32
CA PHE A 210 -11.68 -6.84 -6.64
C PHE A 210 -10.57 -7.69 -6.00
N GLY A 211 -9.91 -8.51 -6.81
CA GLY A 211 -8.84 -9.34 -6.28
C GLY A 211 -7.53 -8.58 -6.34
N GLU A 212 -6.52 -9.08 -5.64
CA GLU A 212 -5.21 -8.42 -5.66
C GLU A 212 -4.28 -9.18 -6.62
N THR A 213 -3.42 -8.42 -7.29
CA THR A 213 -2.48 -8.96 -8.27
C THR A 213 -1.52 -10.00 -7.69
N GLN A 214 -1.12 -9.80 -6.44
CA GLN A 214 -0.18 -10.68 -5.77
C GLN A 214 -0.76 -12.02 -5.31
N PHE A 215 -2.07 -12.20 -5.44
CA PHE A 215 -2.67 -13.46 -4.99
C PHE A 215 -3.54 -14.12 -6.04
N SER A 216 -3.70 -15.43 -5.88
CA SER A 216 -4.54 -16.24 -6.72
C SER A 216 -5.93 -15.64 -6.68
N THR A 217 -6.62 -15.73 -7.80
CA THR A 217 -7.97 -15.20 -7.98
C THR A 217 -9.04 -16.29 -7.96
N LYS A 218 -8.62 -17.52 -7.72
CA LYS A 218 -9.53 -18.64 -7.68
C LYS A 218 -10.78 -18.33 -6.85
N SER A 219 -10.56 -18.16 -5.55
CA SER A 219 -11.65 -17.88 -4.63
C SER A 219 -12.43 -16.62 -5.01
N SER A 220 -11.78 -15.65 -5.65
CA SER A 220 -12.52 -14.45 -6.03
C SER A 220 -13.45 -14.73 -7.20
N GLU A 221 -12.99 -15.55 -8.13
CA GLU A 221 -13.77 -15.92 -9.30
C GLU A 221 -15.00 -16.72 -8.91
N ALA A 222 -14.84 -17.55 -7.90
CA ALA A 222 -15.96 -18.35 -7.42
C ALA A 222 -16.97 -17.40 -6.78
N ILE A 223 -16.50 -16.62 -5.82
CA ILE A 223 -17.35 -15.65 -5.12
C ILE A 223 -18.12 -14.82 -6.13
N ALA A 224 -17.38 -14.23 -7.07
CA ALA A 224 -17.98 -13.38 -8.10
C ALA A 224 -19.07 -14.11 -8.87
N ALA A 225 -18.78 -15.34 -9.30
CA ALA A 225 -19.73 -16.14 -10.04
C ALA A 225 -21.03 -16.26 -9.24
N GLU A 226 -20.91 -16.62 -7.96
CA GLU A 226 -22.08 -16.75 -7.11
C GLU A 226 -22.87 -15.48 -6.88
N ILE A 227 -22.19 -14.34 -6.84
CA ILE A 227 -22.86 -13.08 -6.61
C ILE A 227 -23.39 -12.50 -7.91
N GLY A 228 -22.91 -13.05 -9.03
CA GLY A 228 -23.32 -12.55 -10.31
C GLY A 228 -22.56 -11.28 -10.65
N ALA A 229 -21.38 -11.11 -10.07
CA ALA A 229 -20.61 -9.90 -10.36
C ALA A 229 -19.38 -10.19 -11.22
N GLY A 230 -18.66 -9.14 -11.58
CA GLY A 230 -17.47 -9.31 -12.38
C GLY A 230 -16.23 -9.41 -11.53
N VAL A 231 -15.10 -9.77 -12.14
CA VAL A 231 -13.84 -9.88 -11.43
C VAL A 231 -12.80 -8.95 -12.03
N GLU A 232 -12.22 -8.10 -11.19
CA GLU A 232 -11.20 -7.15 -11.62
C GLU A 232 -10.04 -7.20 -10.65
N LEU A 233 -8.86 -6.82 -11.11
CA LEU A 233 -7.68 -6.83 -10.26
C LEU A 233 -7.16 -5.45 -9.94
N LEU A 234 -6.76 -5.27 -8.68
CA LEU A 234 -6.18 -4.02 -8.21
C LEU A 234 -4.75 -4.40 -7.82
N ASP A 235 -3.80 -3.52 -8.15
CA ASP A 235 -2.39 -3.76 -7.85
C ASP A 235 -1.79 -2.79 -6.82
N PRO A 236 -1.94 -3.09 -5.52
CA PRO A 236 -1.44 -2.26 -4.42
C PRO A 236 0.08 -2.08 -4.35
N LEU A 237 0.82 -2.79 -5.21
CA LEU A 237 2.26 -2.66 -5.22
C LEU A 237 2.78 -2.07 -6.53
N ALA A 238 1.84 -1.62 -7.37
CA ALA A 238 2.20 -1.01 -8.65
C ALA A 238 3.27 0.04 -8.38
N ALA A 239 4.29 0.07 -9.23
CA ALA A 239 5.39 1.02 -9.10
C ALA A 239 4.89 2.41 -9.49
N ASP A 240 4.02 2.40 -10.48
CA ASP A 240 3.39 3.60 -11.03
C ASP A 240 2.26 4.03 -10.08
N TRP A 241 2.64 4.22 -8.82
CA TRP A 241 1.74 4.58 -7.74
C TRP A 241 0.61 5.55 -8.05
N SER A 242 0.95 6.81 -8.30
CA SER A 242 -0.06 7.82 -8.57
C SER A 242 -1.10 7.44 -9.62
N SER A 243 -0.64 6.99 -10.79
CA SER A 243 -1.53 6.61 -11.88
C SER A 243 -2.31 5.37 -11.51
N ASN A 244 -1.73 4.56 -10.62
CA ASN A 244 -2.39 3.35 -10.23
C ASN A 244 -3.60 3.59 -9.35
N LEU A 245 -3.46 4.48 -8.37
CA LEU A 245 -4.57 4.76 -7.49
C LEU A 245 -5.72 5.34 -8.29
N LYS A 246 -5.41 6.15 -9.30
CA LYS A 246 -6.49 6.72 -10.10
C LYS A 246 -7.23 5.65 -10.87
N ALA A 247 -6.52 4.68 -11.44
CA ALA A 247 -7.16 3.61 -12.17
C ALA A 247 -8.05 2.82 -11.22
N VAL A 248 -7.56 2.64 -9.99
CA VAL A 248 -8.27 1.92 -8.94
C VAL A 248 -9.58 2.65 -8.65
N ALA A 249 -9.48 3.91 -8.28
CA ALA A 249 -10.64 4.72 -7.99
C ALA A 249 -11.63 4.60 -9.14
N GLN A 250 -11.13 4.67 -10.36
CA GLN A 250 -11.98 4.59 -11.54
C GLN A 250 -12.73 3.27 -11.65
N LYS A 251 -12.06 2.18 -11.29
CA LYS A 251 -12.70 0.86 -11.34
C LYS A 251 -13.79 0.85 -10.26
N ILE A 252 -13.44 1.29 -9.05
CA ILE A 252 -14.40 1.35 -7.96
C ILE A 252 -15.62 2.10 -8.51
N ALA A 253 -15.40 3.32 -8.98
CA ALA A 253 -16.47 4.15 -9.52
C ALA A 253 -17.32 3.47 -10.58
N ASN A 254 -16.70 2.75 -11.50
CA ASN A 254 -17.47 2.09 -12.54
C ASN A 254 -18.39 1.04 -11.92
N ALA A 255 -17.92 0.43 -10.85
CA ALA A 255 -18.66 -0.60 -10.16
C ALA A 255 -19.68 -0.09 -9.14
N ASN A 256 -19.38 1.05 -8.49
CA ASN A 256 -20.25 1.59 -7.46
C ASN A 256 -21.22 2.68 -7.92
N SER A 257 -21.37 2.86 -9.23
CA SER A 257 -22.26 3.87 -9.77
C SER A 257 -23.51 3.20 -10.31
N ALA A 258 -24.55 3.99 -10.55
CA ALA A 258 -25.79 3.46 -11.11
C ALA A 258 -25.33 2.64 -12.32
N GLN A 259 -25.77 1.38 -12.39
CA GLN A 259 -25.37 0.48 -13.46
C GLN A 259 -26.32 0.41 -14.68
N PRO A 260 -25.79 -0.03 -15.83
CA PRO A 260 -26.59 -0.14 -17.05
C PRO A 260 -27.67 -1.20 -16.90
ZN ZN B . -1.05 -6.64 2.36
#